data_5B19
#
_entry.id   5B19
#
_cell.length_a   111.506
_cell.length_b   111.506
_cell.length_c   111.506
_cell.angle_alpha   90.00
_cell.angle_beta   90.00
_cell.angle_gamma   90.00
#
_symmetry.space_group_name_H-M   'P 21 3'
#
loop_
_entity.id
_entity.type
_entity.pdbx_description
1 polymer 'Aspartate racemase'
2 non-polymer 'L(+)-TARTARIC ACID'
3 water water
#
_entity_poly.entity_id   1
_entity_poly.type   'polypeptide(L)'
_entity_poly.pdbx_seq_one_letter_code
;MGKIVGIIGGMGPVATVKFIEKLTSMTDAEIDQDHVRYVLYNDPEIPDRIEAYFENMESPVNAINNGIKYLESIGIDTIG
MACNTAHIWFKEFVYKSNFLNMIDLTASVLKKSGFKNVLLLSTNATVSSGIYTGKLRDYNINTVIPDQDIVMKSIHYVKV
NDTKMARETIEPVINGHRNEVDALLLACTEMPVIISEKTYNIPVIDSDEALAAALIKSAGKRLKKEYRLYDL
;
_entity_poly.pdbx_strand_id   A,B
#
# COMPACT_ATOMS: atom_id res chain seq x y z
N GLY A 2 16.31 8.48 10.79
CA GLY A 2 14.89 8.24 10.87
C GLY A 2 14.12 9.12 9.91
N LYS A 3 14.42 8.97 8.62
CA LYS A 3 13.83 9.79 7.57
C LYS A 3 12.48 9.24 7.10
N ILE A 4 11.48 10.13 7.00
CA ILE A 4 10.15 9.77 6.53
C ILE A 4 10.12 9.66 5.00
N VAL A 5 9.70 8.51 4.49
CA VAL A 5 9.61 8.34 3.04
C VAL A 5 8.14 8.44 2.62
N GLY A 6 7.91 8.61 1.32
CA GLY A 6 6.56 8.79 0.80
C GLY A 6 6.14 7.67 -0.14
N ILE A 7 4.90 7.24 -0.06
CA ILE A 7 4.46 6.15 -0.93
C ILE A 7 3.17 6.56 -1.65
N ILE A 8 3.11 6.35 -2.95
CA ILE A 8 1.85 6.61 -3.68
C ILE A 8 1.22 5.27 -4.02
N GLY A 9 -0.03 5.11 -3.59
CA GLY A 9 -0.71 3.85 -3.74
C GLY A 9 -2.14 4.07 -4.17
N GLY A 10 -2.93 3.00 -4.10
CA GLY A 10 -4.32 3.00 -4.53
C GLY A 10 -4.55 2.36 -5.89
N MET A 11 -3.49 1.70 -6.38
CA MET A 11 -3.49 1.19 -7.75
C MET A 11 -3.07 -0.29 -7.84
N GLY A 12 -3.89 -1.21 -7.34
CA GLY A 12 -5.16 -0.89 -6.71
C GLY A 12 -5.02 -1.03 -5.21
N PRO A 13 -6.11 -0.77 -4.47
CA PRO A 13 -6.16 -0.82 -3.01
C PRO A 13 -5.77 -2.18 -2.44
N VAL A 14 -6.24 -3.27 -3.03
CA VAL A 14 -5.90 -4.60 -2.49
C VAL A 14 -4.39 -4.85 -2.60
N ALA A 15 -3.82 -4.51 -3.74
CA ALA A 15 -2.38 -4.62 -3.99
C ALA A 15 -1.57 -3.68 -3.09
N THR A 16 -2.13 -2.54 -2.73
CA THR A 16 -1.40 -1.57 -1.91
C THR A 16 -1.24 -2.08 -0.48
N VAL A 17 -2.28 -2.69 0.06
CA VAL A 17 -2.21 -3.32 1.38
C VAL A 17 -1.11 -4.37 1.42
N LYS A 18 -1.09 -5.23 0.41
CA LYS A 18 -0.03 -6.23 0.28
C LYS A 18 1.34 -5.57 0.12
N PHE A 19 1.42 -4.45 -0.61
CA PHE A 19 2.70 -3.75 -0.72
C PHE A 19 3.21 -3.28 0.65
N ILE A 20 2.33 -2.66 1.43
CA ILE A 20 2.72 -2.16 2.74
C ILE A 20 3.12 -3.29 3.71
N GLU A 21 2.39 -4.40 3.62
CA GLU A 21 2.71 -5.60 4.39
C GLU A 21 4.11 -6.10 4.06
N LYS A 22 4.40 -6.15 2.77
CA LYS A 22 5.70 -6.62 2.32
C LYS A 22 6.83 -5.72 2.79
N LEU A 23 6.61 -4.41 2.68
CA LEU A 23 7.60 -3.41 3.11
C LEU A 23 7.92 -3.62 4.60
N THR A 24 6.88 -3.89 5.38
CA THR A 24 7.03 -4.12 6.81
C THR A 24 7.81 -5.41 7.03
N SER A 25 7.39 -6.46 6.34
CA SER A 25 7.98 -7.77 6.58
C SER A 25 9.45 -7.83 6.09
N MET A 26 9.81 -7.03 5.10
CA MET A 26 11.19 -7.00 4.59
C MET A 26 12.13 -6.22 5.49
N THR A 27 11.57 -5.47 6.42
CA THR A 27 12.39 -4.62 7.27
C THR A 27 12.93 -5.42 8.46
N ASP A 28 14.24 -5.32 8.70
CA ASP A 28 14.87 -5.97 9.85
C ASP A 28 14.73 -5.08 11.08
N ALA A 29 13.76 -5.39 11.92
CA ALA A 29 13.47 -4.54 13.08
C ALA A 29 13.32 -5.32 14.39
N GLU A 30 14.28 -5.13 15.30
CA GLU A 30 14.18 -5.65 16.66
C GLU A 30 12.98 -5.04 17.35
N ILE A 31 13.02 -3.72 17.46
CA ILE A 31 12.02 -2.93 18.16
C ILE A 31 11.18 -2.18 17.13
N ASP A 32 9.96 -1.78 17.51
CA ASP A 32 9.06 -1.10 16.59
C ASP A 32 9.64 0.18 16.01
N GLN A 33 10.52 0.85 16.74
CA GLN A 33 11.08 2.11 16.24
C GLN A 33 12.10 1.89 15.12
N ASP A 34 12.42 0.65 14.81
CA ASP A 34 13.35 0.38 13.72
C ASP A 34 12.61 0.18 12.41
N HIS A 35 11.29 0.35 12.43
CA HIS A 35 10.50 0.23 11.20
C HIS A 35 10.46 1.57 10.47
N VAL A 36 10.08 1.51 9.19
CA VAL A 36 10.05 2.66 8.30
C VAL A 36 8.96 3.66 8.67
N ARG A 37 9.33 4.93 8.78
CA ARG A 37 8.34 5.98 8.94
C ARG A 37 7.92 6.36 7.53
N TYR A 38 6.63 6.35 7.24
CA TYR A 38 6.19 6.77 5.90
C TYR A 38 4.83 7.46 5.94
N VAL A 39 4.56 8.21 4.87
CA VAL A 39 3.24 8.74 4.59
C VAL A 39 2.76 8.08 3.31
N LEU A 40 1.65 7.35 3.41
CA LEU A 40 1.06 6.70 2.24
C LEU A 40 -0.07 7.55 1.67
N TYR A 41 0.12 8.02 0.44
CA TYR A 41 -0.93 8.73 -0.27
C TYR A 41 -1.71 7.72 -1.10
N ASN A 42 -2.84 7.26 -0.57
CA ASN A 42 -3.57 6.16 -1.15
C ASN A 42 -4.79 6.68 -1.87
N ASP A 43 -4.66 6.91 -3.17
CA ASP A 43 -5.74 7.51 -3.96
C ASP A 43 -6.26 6.54 -5.01
N PRO A 44 -7.25 5.71 -4.65
CA PRO A 44 -7.78 4.77 -5.64
C PRO A 44 -8.63 5.44 -6.71
N GLU A 45 -8.95 6.72 -6.58
CA GLU A 45 -9.67 7.40 -7.64
C GLU A 45 -8.71 7.91 -8.71
N ILE A 46 -7.42 7.63 -8.56
CA ILE A 46 -6.53 7.77 -9.71
C ILE A 46 -7.15 7.01 -10.89
N PRO A 47 -7.28 7.66 -12.05
CA PRO A 47 -8.01 7.04 -13.17
C PRO A 47 -7.44 5.70 -13.58
N ASP A 48 -8.31 4.79 -14.03
CA ASP A 48 -7.89 3.46 -14.50
C ASP A 48 -6.75 3.57 -15.51
N ARG A 49 -5.66 2.87 -15.24
CA ARG A 49 -4.49 3.03 -16.08
C ARG A 49 -4.58 2.26 -17.40
N ILE A 50 -5.34 1.17 -17.44
CA ILE A 50 -5.56 0.45 -18.71
C ILE A 50 -6.44 1.26 -19.68
N GLU A 51 -7.48 1.92 -19.15
CA GLU A 51 -8.34 2.77 -19.99
C GLU A 51 -7.58 3.98 -20.47
N ALA A 52 -6.70 4.49 -19.61
CA ALA A 52 -5.86 5.63 -19.98
C ALA A 52 -4.97 5.24 -21.14
N TYR A 53 -4.40 4.04 -21.07
CA TYR A 53 -3.40 3.68 -22.06
C TYR A 53 -4.02 3.31 -23.41
N PHE A 54 -5.09 2.51 -23.41
CA PHE A 54 -5.64 1.94 -24.65
C PHE A 54 -6.87 2.63 -25.18
N GLU A 55 -7.60 3.33 -24.31
CA GLU A 55 -8.92 3.86 -24.68
C GLU A 55 -9.05 5.37 -24.58
N ASN A 56 -7.94 6.09 -24.56
CA ASN A 56 -7.97 7.54 -24.53
C ASN A 56 -8.75 8.15 -23.37
N MET A 57 -8.82 7.46 -22.23
CA MET A 57 -9.48 8.05 -21.06
C MET A 57 -8.50 8.87 -20.26
N GLU A 58 -8.91 9.33 -19.08
CA GLU A 58 -8.10 10.22 -18.30
C GLU A 58 -6.76 9.61 -17.90
N SER A 59 -5.69 10.33 -18.21
CA SER A 59 -4.37 9.94 -17.76
C SER A 59 -4.30 10.06 -16.24
N PRO A 60 -3.55 9.14 -15.59
CA PRO A 60 -3.32 9.20 -14.14
C PRO A 60 -2.37 10.31 -13.69
N VAL A 61 -1.76 11.01 -14.64
CA VAL A 61 -0.72 11.99 -14.30
C VAL A 61 -1.16 13.08 -13.30
N ASN A 62 -2.30 13.72 -13.54
CA ASN A 62 -2.68 14.82 -12.67
C ASN A 62 -2.94 14.36 -11.23
N ALA A 63 -3.65 13.26 -11.06
CA ALA A 63 -3.92 12.77 -9.71
C ALA A 63 -2.62 12.34 -9.04
N ILE A 64 -1.73 11.69 -9.78
CA ILE A 64 -0.46 11.28 -9.20
C ILE A 64 0.37 12.49 -8.79
N ASN A 65 0.37 13.53 -9.63
CA ASN A 65 1.16 14.72 -9.35
C ASN A 65 0.69 15.45 -8.09
N ASN A 66 -0.62 15.44 -7.83
CA ASN A 66 -1.14 16.06 -6.60
C ASN A 66 -0.66 15.31 -5.36
N GLY A 67 -0.58 13.98 -5.45
CA GLY A 67 -0.02 13.15 -4.38
C GLY A 67 1.46 13.46 -4.11
N ILE A 68 2.23 13.59 -5.18
CA ILE A 68 3.64 13.93 -5.04
C ILE A 68 3.77 15.27 -4.32
N LYS A 69 2.98 16.24 -4.78
CA LYS A 69 3.01 17.57 -4.21
C LYS A 69 2.71 17.53 -2.72
N TYR A 70 1.71 16.76 -2.30
CA TYR A 70 1.37 16.73 -0.88
C TYR A 70 2.44 16.02 -0.04
N LEU A 71 3.02 14.96 -0.59
CA LEU A 71 4.12 14.30 0.08
C LEU A 71 5.33 15.23 0.26
N GLU A 72 5.70 15.93 -0.81
CA GLU A 72 6.85 16.84 -0.77
C GLU A 72 6.64 18.05 0.15
N SER A 73 5.39 18.35 0.49
CA SER A 73 5.10 19.55 1.28
C SER A 73 5.62 19.50 2.72
N ILE A 74 5.93 18.31 3.25
CA ILE A 74 6.60 18.26 4.55
C ILE A 74 8.05 17.83 4.46
N GLY A 75 8.62 17.94 3.27
CA GLY A 75 10.03 17.69 3.10
C GLY A 75 10.41 16.25 2.86
N ILE A 76 9.42 15.40 2.60
CA ILE A 76 9.73 14.05 2.13
C ILE A 76 10.59 14.17 0.86
N ASP A 77 11.72 13.49 0.82
CA ASP A 77 12.53 13.61 -0.38
C ASP A 77 12.81 12.28 -1.02
N THR A 78 12.07 11.25 -0.63
CA THR A 78 12.08 10.01 -1.38
C THR A 78 10.68 9.45 -1.48
N ILE A 79 10.20 9.30 -2.71
CA ILE A 79 8.85 8.82 -2.93
C ILE A 79 8.88 7.58 -3.84
N GLY A 80 8.08 6.57 -3.52
CA GLY A 80 7.90 5.43 -4.40
C GLY A 80 6.45 5.26 -4.80
N MET A 81 6.22 4.75 -6.00
CA MET A 81 4.86 4.57 -6.46
C MET A 81 4.61 3.11 -6.76
N ALA A 82 3.71 2.52 -5.98
CA ALA A 82 3.50 1.08 -6.03
C ALA A 82 2.53 0.70 -7.14
N CYS A 83 2.96 0.91 -8.38
CA CYS A 83 2.16 0.62 -9.57
C CYS A 83 3.08 0.57 -10.80
N ASN A 84 3.26 -0.61 -11.37
CA ASN A 84 4.08 -0.74 -12.57
C ASN A 84 3.52 0.04 -13.75
N THR A 85 2.26 -0.19 -14.02
CA THR A 85 1.64 0.38 -15.23
C THR A 85 1.72 1.90 -15.23
N ALA A 86 1.61 2.52 -14.06
CA ALA A 86 1.59 3.98 -14.03
C ALA A 86 2.95 4.58 -14.44
N HIS A 87 3.99 3.75 -14.40
CA HIS A 87 5.33 4.17 -14.84
C HIS A 87 5.43 4.43 -16.33
N ILE A 88 4.43 4.01 -17.10
CA ILE A 88 4.33 4.38 -18.52
C ILE A 88 4.39 5.91 -18.66
N TRP A 89 3.83 6.60 -17.69
CA TRP A 89 3.80 8.08 -17.71
C TRP A 89 4.90 8.76 -16.90
N PHE A 90 5.98 8.05 -16.60
CA PHE A 90 7.00 8.51 -15.66
C PHE A 90 7.61 9.87 -15.99
N LYS A 91 7.77 10.16 -17.28
CA LYS A 91 8.42 11.39 -17.70
C LYS A 91 7.51 12.59 -17.50
N GLU A 92 6.22 12.33 -17.30
CA GLU A 92 5.24 13.41 -17.10
C GLU A 92 4.96 13.72 -15.63
N PHE A 93 5.54 12.95 -14.71
CA PHE A 93 5.37 13.29 -13.30
C PHE A 93 6.22 14.52 -12.96
N VAL A 94 5.72 15.29 -12.00
CA VAL A 94 6.37 16.53 -11.57
C VAL A 94 6.80 16.34 -10.15
N TYR A 95 8.10 16.45 -9.91
CA TYR A 95 8.65 16.19 -8.59
C TYR A 95 10.00 16.86 -8.38
N LYS A 96 10.28 17.18 -7.13
CA LYS A 96 11.52 17.81 -6.74
C LYS A 96 12.37 16.77 -6.00
N SER A 97 11.70 15.77 -5.49
CA SER A 97 12.34 14.76 -4.66
C SER A 97 12.95 13.64 -5.49
N ASN A 98 13.45 12.63 -4.80
CA ASN A 98 13.89 11.43 -5.49
C ASN A 98 12.67 10.53 -5.67
N PHE A 99 12.04 10.62 -6.83
CA PHE A 99 10.91 9.78 -7.19
C PHE A 99 11.49 8.49 -7.76
N LEU A 100 11.46 7.43 -6.96
CA LEU A 100 12.03 6.14 -7.35
C LEU A 100 11.34 5.62 -8.59
N ASN A 101 12.07 4.86 -9.41
CA ASN A 101 11.46 4.26 -10.58
C ASN A 101 11.40 2.75 -10.43
N MET A 102 10.22 2.20 -10.18
CA MET A 102 10.11 0.78 -9.85
C MET A 102 10.56 -0.10 -11.01
N ILE A 103 10.36 0.37 -12.23
CA ILE A 103 10.73 -0.44 -13.39
C ILE A 103 12.24 -0.58 -13.47
N ASP A 104 12.95 0.54 -13.29
CA ASP A 104 14.42 0.52 -13.25
C ASP A 104 14.97 -0.33 -12.11
N LEU A 105 14.40 -0.17 -10.92
CA LEU A 105 14.90 -0.94 -9.79
C LEU A 105 14.71 -2.42 -10.07
N THR A 106 13.54 -2.76 -10.59
CA THR A 106 13.21 -4.15 -10.88
C THR A 106 14.11 -4.70 -11.99
N ALA A 107 14.30 -3.94 -13.06
CA ALA A 107 15.22 -4.36 -14.11
C ALA A 107 16.65 -4.57 -13.59
N SER A 108 17.10 -3.69 -12.69
CA SER A 108 18.45 -3.79 -12.12
C SER A 108 18.57 -5.07 -11.29
N VAL A 109 17.52 -5.39 -10.53
CA VAL A 109 17.51 -6.62 -9.75
C VAL A 109 17.59 -7.81 -10.68
N LEU A 110 16.77 -7.77 -11.73
CA LEU A 110 16.74 -8.84 -12.71
C LEU A 110 18.11 -8.99 -13.38
N LYS A 111 18.74 -7.87 -13.72
CA LYS A 111 20.06 -7.97 -14.38
C LYS A 111 21.12 -8.58 -13.45
N LYS A 112 21.06 -8.20 -12.17
CA LYS A 112 21.96 -8.69 -11.13
C LYS A 112 21.79 -10.19 -10.89
N SER A 113 20.54 -10.64 -10.94
CA SER A 113 20.18 -12.00 -10.54
C SER A 113 20.78 -13.06 -11.46
N GLY A 114 21.03 -12.69 -12.70
CA GLY A 114 21.56 -13.62 -13.68
C GLY A 114 20.52 -14.48 -14.39
N PHE A 115 19.25 -14.35 -14.03
CA PHE A 115 18.17 -15.07 -14.71
C PHE A 115 18.13 -14.68 -16.19
N LYS A 116 18.07 -15.68 -17.05
CA LYS A 116 18.15 -15.53 -18.50
C LYS A 116 16.79 -15.65 -19.18
N ASN A 117 15.90 -16.43 -18.56
CA ASN A 117 14.57 -16.70 -19.10
C ASN A 117 13.52 -16.38 -18.04
N VAL A 118 12.65 -15.39 -18.26
CA VAL A 118 11.64 -15.08 -17.25
C VAL A 118 10.23 -14.91 -17.81
N LEU A 119 9.23 -15.24 -16.99
CA LEU A 119 7.83 -15.07 -17.42
C LEU A 119 7.38 -13.68 -16.97
N LEU A 120 7.05 -12.81 -17.92
CA LEU A 120 6.61 -11.47 -17.56
C LEU A 120 5.12 -11.49 -17.17
N LEU A 121 4.85 -11.28 -15.88
CA LEU A 121 3.49 -11.24 -15.37
C LEU A 121 3.14 -9.81 -15.04
N SER A 122 2.31 -9.20 -15.88
CA SER A 122 2.08 -7.76 -15.82
C SER A 122 0.74 -7.47 -16.45
N THR A 123 0.25 -6.23 -16.36
CA THR A 123 -0.93 -5.84 -17.15
C THR A 123 -0.62 -5.82 -18.63
N ASN A 124 -1.67 -5.83 -19.46
CA ASN A 124 -1.45 -5.78 -20.90
C ASN A 124 -0.85 -4.43 -21.34
N ALA A 125 -1.13 -3.36 -20.60
CA ALA A 125 -0.53 -2.06 -20.95
C ALA A 125 0.96 -2.08 -20.71
N THR A 126 1.38 -2.74 -19.63
CA THR A 126 2.80 -2.86 -19.36
C THR A 126 3.52 -3.65 -20.45
N VAL A 127 2.86 -4.70 -20.94
CA VAL A 127 3.42 -5.47 -22.07
C VAL A 127 3.45 -4.63 -23.33
N SER A 128 2.32 -4.05 -23.70
CA SER A 128 2.21 -3.34 -24.97
C SER A 128 3.18 -2.15 -25.02
N SER A 129 3.25 -1.41 -23.93
CA SER A 129 4.12 -0.24 -23.85
C SER A 129 5.59 -0.61 -23.89
N GLY A 130 5.90 -1.88 -23.66
CA GLY A 130 7.29 -2.32 -23.67
C GLY A 130 8.17 -1.64 -22.66
N ILE A 131 7.59 -1.16 -21.55
CA ILE A 131 8.39 -0.45 -20.55
C ILE A 131 9.48 -1.34 -19.95
N TYR A 132 9.20 -2.62 -19.74
CA TYR A 132 10.26 -3.57 -19.35
C TYR A 132 11.16 -3.94 -20.53
N THR A 133 10.58 -4.10 -21.72
CA THR A 133 11.37 -4.42 -22.91
C THR A 133 12.48 -3.41 -23.14
N GLY A 134 12.13 -2.13 -23.04
CA GLY A 134 13.12 -1.08 -23.23
C GLY A 134 14.29 -1.15 -22.25
N LYS A 135 14.03 -1.55 -21.01
CA LYS A 135 15.06 -1.51 -19.98
C LYS A 135 15.94 -2.76 -20.04
N LEU A 136 15.42 -3.82 -20.65
CA LEU A 136 16.11 -5.11 -20.68
C LEU A 136 16.76 -5.46 -22.01
N ARG A 137 16.46 -4.67 -23.04
CA ARG A 137 16.85 -4.98 -24.40
C ARG A 137 18.36 -5.06 -24.57
N ASP A 138 19.08 -4.28 -23.78
CA ASP A 138 20.54 -4.26 -23.84
C ASP A 138 21.18 -5.26 -22.87
N TYR A 139 20.37 -6.11 -22.24
CA TYR A 139 20.89 -7.04 -21.23
C TYR A 139 20.82 -8.53 -21.59
N ASN A 140 20.35 -8.88 -22.80
CA ASN A 140 20.39 -10.29 -23.21
C ASN A 140 19.54 -11.19 -22.31
N ILE A 141 18.28 -10.80 -22.10
CA ILE A 141 17.37 -11.57 -21.25
C ILE A 141 16.11 -12.01 -22.01
N ASN A 142 15.86 -13.32 -22.04
CA ASN A 142 14.69 -13.90 -22.70
C ASN A 142 13.43 -13.65 -21.87
N THR A 143 12.54 -12.81 -22.39
CA THR A 143 11.31 -12.45 -21.71
C THR A 143 10.10 -13.07 -22.39
N VAL A 144 9.41 -13.95 -21.68
CA VAL A 144 8.30 -14.70 -22.24
C VAL A 144 6.99 -14.04 -21.84
N ILE A 145 6.16 -13.73 -22.84
CA ILE A 145 4.86 -13.09 -22.66
C ILE A 145 3.72 -14.12 -22.60
N PRO A 146 3.04 -14.22 -21.45
CA PRO A 146 1.94 -15.17 -21.28
C PRO A 146 0.67 -14.66 -21.98
N ASP A 147 -0.37 -15.50 -22.04
CA ASP A 147 -1.67 -15.10 -22.57
C ASP A 147 -2.23 -13.89 -21.84
N GLN A 148 -2.35 -12.76 -22.53
CA GLN A 148 -2.77 -11.51 -21.86
C GLN A 148 -4.21 -11.51 -21.36
N ASP A 149 -5.11 -12.21 -22.04
CA ASP A 149 -6.49 -12.28 -21.58
C ASP A 149 -6.58 -13.00 -20.23
N ILE A 150 -5.87 -14.11 -20.10
CA ILE A 150 -5.88 -14.87 -18.86
C ILE A 150 -5.24 -14.08 -17.72
N VAL A 151 -4.09 -13.46 -17.98
CA VAL A 151 -3.40 -12.73 -16.92
C VAL A 151 -4.27 -11.55 -16.46
N MET A 152 -4.92 -10.86 -17.40
CA MET A 152 -5.74 -9.72 -17.03
C MET A 152 -6.97 -10.20 -16.24
N LYS A 153 -7.48 -11.39 -16.56
CA LYS A 153 -8.59 -11.93 -15.76
C LYS A 153 -8.14 -12.20 -14.31
N SER A 154 -6.93 -12.76 -14.16
CA SER A 154 -6.38 -12.99 -12.83
C SER A 154 -6.19 -11.69 -12.04
N ILE A 155 -5.64 -10.68 -12.70
CA ILE A 155 -5.47 -9.37 -12.08
C ILE A 155 -6.79 -8.79 -11.58
N HIS A 156 -7.82 -8.88 -12.41
CA HIS A 156 -9.13 -8.38 -12.03
C HIS A 156 -9.66 -9.09 -10.78
N TYR A 157 -9.51 -10.40 -10.73
CA TYR A 157 -9.92 -11.13 -9.53
C TYR A 157 -9.18 -10.65 -8.29
N VAL A 158 -7.88 -10.43 -8.39
CA VAL A 158 -7.15 -9.92 -7.21
C VAL A 158 -7.72 -8.57 -6.77
N LYS A 159 -8.02 -7.73 -7.76
CA LYS A 159 -8.52 -6.38 -7.51
C LYS A 159 -9.79 -6.33 -6.67
N VAL A 160 -10.65 -7.33 -6.81
CA VAL A 160 -11.87 -7.41 -5.99
C VAL A 160 -11.67 -8.38 -4.82
N ASN A 161 -10.40 -8.69 -4.54
CA ASN A 161 -9.99 -9.56 -3.43
C ASN A 161 -10.65 -10.92 -3.51
N ASP A 162 -10.79 -11.42 -4.73
CA ASP A 162 -11.15 -12.81 -4.95
C ASP A 162 -9.87 -13.56 -5.28
N THR A 163 -9.03 -13.73 -4.27
CA THR A 163 -7.73 -14.34 -4.50
C THR A 163 -7.84 -15.82 -4.91
N LYS A 164 -8.94 -16.48 -4.57
CA LYS A 164 -9.14 -17.90 -4.92
C LYS A 164 -9.30 -18.07 -6.44
N MET A 165 -10.18 -17.28 -7.04
CA MET A 165 -10.32 -17.31 -8.50
C MET A 165 -9.07 -16.80 -9.22
N ALA A 166 -8.34 -15.85 -8.62
CA ALA A 166 -7.17 -15.32 -9.29
C ALA A 166 -6.11 -16.41 -9.37
N ARG A 167 -5.94 -17.15 -8.28
CA ARG A 167 -5.03 -18.30 -8.26
C ARG A 167 -5.42 -19.35 -9.30
N GLU A 168 -6.68 -19.74 -9.29
CA GLU A 168 -7.17 -20.75 -10.22
C GLU A 168 -6.93 -20.32 -11.65
N THR A 169 -7.14 -19.02 -11.90
CA THR A 169 -7.00 -18.49 -13.25
C THR A 169 -5.53 -18.52 -13.74
N ILE A 170 -4.60 -18.13 -12.88
CA ILE A 170 -3.21 -17.97 -13.35
C ILE A 170 -2.43 -19.29 -13.30
N GLU A 171 -2.90 -20.23 -12.49
CA GLU A 171 -2.22 -21.52 -12.34
C GLU A 171 -1.80 -22.21 -13.66
N PRO A 172 -2.74 -22.40 -14.63
CA PRO A 172 -2.27 -23.09 -15.84
C PRO A 172 -1.32 -22.26 -16.69
N VAL A 173 -1.38 -20.95 -16.54
CA VAL A 173 -0.44 -20.09 -17.24
C VAL A 173 0.98 -20.33 -16.74
N ILE A 174 1.14 -20.29 -15.42
CA ILE A 174 2.42 -20.60 -14.78
C ILE A 174 2.88 -21.99 -15.19
N ASN A 175 2.06 -23.00 -14.87
CA ASN A 175 2.50 -24.38 -15.08
C ASN A 175 2.80 -24.67 -16.55
N GLY A 176 2.06 -24.04 -17.46
CA GLY A 176 2.32 -24.16 -18.89
C GLY A 176 3.67 -23.62 -19.37
N HIS A 177 4.25 -22.66 -18.66
CA HIS A 177 5.52 -22.05 -19.09
C HIS A 177 6.75 -22.55 -18.34
N ARG A 178 6.55 -23.48 -17.41
CA ARG A 178 7.61 -23.94 -16.51
C ARG A 178 8.86 -24.39 -17.24
N ASN A 179 8.65 -25.05 -18.36
CA ASN A 179 9.74 -25.63 -19.12
C ASN A 179 10.59 -24.60 -19.87
N GLU A 180 10.10 -23.39 -20.06
CA GLU A 180 10.90 -22.41 -20.81
C GLU A 180 11.32 -21.17 -20.00
N VAL A 181 10.95 -21.08 -18.74
CA VAL A 181 11.42 -19.96 -17.93
C VAL A 181 12.12 -20.44 -16.66
N ASP A 182 13.02 -19.61 -16.15
CA ASP A 182 13.76 -19.96 -14.95
C ASP A 182 13.21 -19.23 -13.72
N ALA A 183 12.46 -18.16 -13.98
CA ALA A 183 11.93 -17.36 -12.90
C ALA A 183 10.67 -16.66 -13.36
N LEU A 184 9.87 -16.23 -12.40
CA LEU A 184 8.70 -15.40 -12.66
C LEU A 184 9.03 -13.95 -12.38
N LEU A 185 8.71 -13.08 -13.33
CA LEU A 185 8.88 -11.64 -13.11
C LEU A 185 7.53 -11.02 -12.75
N LEU A 186 7.33 -10.67 -11.48
CA LEU A 186 6.07 -10.09 -11.03
C LEU A 186 6.17 -8.60 -11.23
N ALA A 187 5.45 -8.13 -12.25
CA ALA A 187 5.52 -6.73 -12.69
C ALA A 187 4.13 -6.13 -12.76
N CYS A 188 3.31 -6.58 -11.82
CA CYS A 188 2.01 -6.00 -11.54
C CYS A 188 1.83 -6.18 -10.05
N THR A 189 1.43 -5.13 -9.36
CA THR A 189 1.39 -5.20 -7.90
C THR A 189 0.27 -6.13 -7.39
N GLU A 190 -0.66 -6.50 -8.25
CA GLU A 190 -1.65 -7.50 -7.86
C GLU A 190 -1.04 -8.90 -7.80
N MET A 191 0.01 -9.15 -8.56
CA MET A 191 0.54 -10.52 -8.64
C MET A 191 1.17 -11.03 -7.33
N PRO A 192 1.94 -10.18 -6.61
CA PRO A 192 2.48 -10.66 -5.32
C PRO A 192 1.42 -10.99 -4.27
N VAL A 193 0.17 -10.57 -4.46
CA VAL A 193 -0.87 -10.90 -3.50
C VAL A 193 -1.12 -12.41 -3.51
N ILE A 194 -0.92 -13.04 -4.66
CA ILE A 194 -1.18 -14.47 -4.80
C ILE A 194 0.03 -15.30 -5.23
N ILE A 195 1.19 -14.67 -5.35
CA ILE A 195 2.36 -15.41 -5.83
C ILE A 195 3.60 -15.02 -5.08
N SER A 196 4.27 -16.02 -4.54
CA SER A 196 5.62 -15.86 -4.00
C SER A 196 6.42 -17.08 -4.45
N GLU A 197 7.67 -17.17 -4.04
CA GLU A 197 8.48 -18.29 -4.48
C GLU A 197 7.92 -19.64 -4.00
N LYS A 198 7.40 -19.67 -2.78
CA LYS A 198 6.90 -20.94 -2.24
C LYS A 198 5.58 -21.39 -2.90
N THR A 199 4.92 -20.47 -3.62
CA THR A 199 3.64 -20.76 -4.24
C THR A 199 3.75 -21.89 -5.26
N TYR A 200 4.71 -21.76 -6.16
CA TYR A 200 4.87 -22.69 -7.28
C TYR A 200 6.21 -23.36 -7.24
N ASN A 201 7.03 -22.90 -6.31
CA ASN A 201 8.38 -23.38 -6.20
C ASN A 201 9.18 -23.04 -7.45
N ILE A 202 9.04 -21.78 -7.86
CA ILE A 202 9.80 -21.19 -8.96
C ILE A 202 10.32 -19.87 -8.41
N PRO A 203 11.59 -19.52 -8.69
CA PRO A 203 12.14 -18.24 -8.23
C PRO A 203 11.31 -17.09 -8.76
N VAL A 204 11.21 -16.04 -7.96
CA VAL A 204 10.42 -14.90 -8.32
C VAL A 204 11.27 -13.64 -8.19
N ILE A 205 11.16 -12.73 -9.16
CA ILE A 205 11.66 -11.37 -9.01
C ILE A 205 10.42 -10.51 -8.91
N ASP A 206 10.25 -9.89 -7.74
CA ASP A 206 9.03 -9.17 -7.41
C ASP A 206 9.28 -7.68 -7.48
N SER A 207 8.52 -6.97 -8.32
CA SER A 207 8.73 -5.54 -8.44
C SER A 207 8.34 -4.81 -7.15
N ASP A 208 7.34 -5.32 -6.41
CA ASP A 208 7.02 -4.87 -5.05
C ASP A 208 8.27 -4.80 -4.17
N GLU A 209 9.04 -5.88 -4.19
CA GLU A 209 10.16 -6.03 -3.27
C GLU A 209 11.31 -5.15 -3.72
N ALA A 210 11.46 -4.95 -5.02
CA ALA A 210 12.54 -4.08 -5.49
C ALA A 210 12.28 -2.66 -5.00
N LEU A 211 11.03 -2.23 -5.05
CA LEU A 211 10.68 -0.87 -4.63
C LEU A 211 10.78 -0.71 -3.12
N ALA A 212 10.25 -1.70 -2.41
CA ALA A 212 10.26 -1.72 -0.96
C ALA A 212 11.68 -1.69 -0.41
N ALA A 213 12.58 -2.45 -1.03
CA ALA A 213 13.97 -2.44 -0.60
C ALA A 213 14.58 -1.03 -0.74
N ALA A 214 14.29 -0.36 -1.85
CA ALA A 214 14.79 0.99 -2.05
C ALA A 214 14.22 1.96 -1.00
N LEU A 215 12.95 1.80 -0.65
CA LEU A 215 12.33 2.67 0.34
C LEU A 215 12.89 2.42 1.72
N ILE A 216 13.13 1.16 2.04
CA ILE A 216 13.69 0.78 3.33
C ILE A 216 15.08 1.41 3.49
N LYS A 217 15.89 1.30 2.45
CA LYS A 217 17.22 1.90 2.43
C LYS A 217 17.19 3.42 2.62
N SER A 218 16.35 4.08 1.83
CA SER A 218 16.19 5.54 1.92
C SER A 218 15.65 6.00 3.28
N ALA A 219 14.88 5.15 3.94
CA ALA A 219 14.34 5.46 5.26
C ALA A 219 15.39 5.27 6.37
N GLY A 220 16.59 4.84 5.97
CA GLY A 220 17.66 4.57 6.91
C GLY A 220 17.47 3.29 7.70
N LYS A 221 16.62 2.39 7.21
CA LYS A 221 16.35 1.17 7.94
C LYS A 221 17.09 -0.02 7.33
N ARG A 222 16.94 -1.17 7.99
CA ARG A 222 17.68 -2.36 7.62
C ARG A 222 16.80 -3.34 6.88
N LEU A 223 17.38 -3.97 5.88
CA LEU A 223 16.70 -4.99 5.09
C LEU A 223 17.07 -6.36 5.61
N LYS A 224 16.07 -7.23 5.82
CA LYS A 224 16.33 -8.63 6.20
C LYS A 224 17.19 -9.36 5.17
N LYS A 225 18.08 -10.24 5.65
CA LYS A 225 19.05 -10.84 4.73
C LYS A 225 18.44 -11.82 3.73
N GLU A 226 17.27 -12.39 4.03
CA GLU A 226 16.63 -13.25 3.04
C GLU A 226 16.25 -12.48 1.77
N TYR A 227 16.22 -11.15 1.85
CA TYR A 227 15.90 -10.33 0.66
C TYR A 227 17.16 -9.73 0.03
N ARG A 228 18.28 -10.42 0.22
CA ARG A 228 19.58 -9.97 -0.24
C ARG A 228 19.61 -9.63 -1.74
N LEU A 229 18.82 -10.35 -2.53
CA LEU A 229 18.76 -10.11 -3.97
C LEU A 229 18.38 -8.66 -4.27
N TYR A 230 17.56 -8.06 -3.42
CA TYR A 230 17.02 -6.74 -3.69
C TYR A 230 17.85 -5.58 -3.17
N ASP A 231 18.93 -5.90 -2.45
CA ASP A 231 19.81 -4.86 -1.93
C ASP A 231 20.64 -4.23 -3.05
N LEU A 232 20.03 -3.35 -3.84
CA LEU A 232 20.72 -2.70 -4.95
C LEU A 232 21.60 -1.58 -4.42
N GLY B 2 -15.04 10.99 -3.92
CA GLY B 2 -15.11 10.99 -2.47
C GLY B 2 -14.07 11.90 -1.84
N LYS B 3 -14.23 12.17 -0.56
CA LYS B 3 -13.29 13.03 0.16
C LYS B 3 -12.10 12.20 0.64
N ILE B 4 -10.91 12.75 0.55
CA ILE B 4 -9.74 12.11 1.16
C ILE B 4 -9.90 12.20 2.66
N VAL B 5 -9.63 11.10 3.36
CA VAL B 5 -9.62 11.09 4.83
C VAL B 5 -8.21 10.82 5.33
N GLY B 6 -8.00 11.03 6.62
CA GLY B 6 -6.67 10.93 7.21
C GLY B 6 -6.57 9.79 8.20
N ILE B 7 -5.44 9.10 8.18
CA ILE B 7 -5.21 8.05 9.16
C ILE B 7 -3.84 8.22 9.78
N ILE B 8 -3.79 8.14 11.12
CA ILE B 8 -2.53 8.11 11.83
C ILE B 8 -2.31 6.71 12.39
N GLY B 9 -1.15 6.15 12.10
CA GLY B 9 -0.82 4.79 12.50
C GLY B 9 0.68 4.66 12.72
N GLY B 10 1.14 3.41 12.76
CA GLY B 10 2.56 3.17 12.93
C GLY B 10 2.84 2.53 14.28
N MET B 11 1.82 2.49 15.12
CA MET B 11 1.96 1.92 16.46
C MET B 11 0.99 0.76 16.67
N GLY B 12 1.43 -0.47 16.41
CA GLY B 12 2.68 -0.75 15.74
C GLY B 12 2.44 -0.95 14.24
N PRO B 13 3.51 -1.21 13.48
CA PRO B 13 3.44 -1.34 12.01
C PRO B 13 2.55 -2.48 11.51
N VAL B 14 2.61 -3.64 12.16
CA VAL B 14 1.79 -4.78 11.75
C VAL B 14 0.30 -4.51 11.99
N ALA B 15 -0.03 -3.96 13.15
CA ALA B 15 -1.41 -3.60 13.44
C ALA B 15 -1.94 -2.58 12.42
N THR B 16 -1.06 -1.72 11.92
CA THR B 16 -1.45 -0.69 10.96
C THR B 16 -1.85 -1.35 9.65
N VAL B 17 -1.00 -2.23 9.16
CA VAL B 17 -1.31 -3.00 7.96
C VAL B 17 -2.63 -3.75 8.12
N LYS B 18 -2.84 -4.37 9.28
CA LYS B 18 -4.11 -5.05 9.55
C LYS B 18 -5.30 -4.09 9.51
N PHE B 19 -5.14 -2.89 10.06
CA PHE B 19 -6.22 -1.92 10.02
C PHE B 19 -6.55 -1.53 8.58
N ILE B 20 -5.52 -1.22 7.79
CA ILE B 20 -5.82 -0.78 6.44
C ILE B 20 -6.35 -1.93 5.58
N GLU B 21 -5.97 -3.16 5.90
CA GLU B 21 -6.55 -4.29 5.21
C GLU B 21 -8.04 -4.38 5.55
N LYS B 22 -8.38 -4.12 6.81
CA LYS B 22 -9.78 -4.18 7.24
C LYS B 22 -10.59 -3.11 6.51
N LEU B 23 -10.04 -1.90 6.47
CA LEU B 23 -10.66 -0.80 5.76
C LEU B 23 -10.99 -1.17 4.32
N THR B 24 -10.02 -1.76 3.64
CA THR B 24 -10.21 -2.17 2.25
C THR B 24 -11.26 -3.26 2.13
N SER B 25 -11.22 -4.26 2.99
CA SER B 25 -12.12 -5.38 2.80
C SER B 25 -13.56 -5.05 3.25
N MET B 26 -13.72 -3.97 4.01
CA MET B 26 -15.06 -3.52 4.44
C MET B 26 -15.75 -2.60 3.43
N THR B 27 -14.97 -2.12 2.45
CA THR B 27 -15.50 -1.20 1.44
C THR B 27 -16.16 -1.96 0.31
N ASP B 28 -17.39 -1.57 0.02
CA ASP B 28 -18.18 -2.11 -1.07
C ASP B 28 -17.78 -1.44 -2.39
N ALA B 29 -16.95 -2.12 -3.15
CA ALA B 29 -16.39 -1.55 -4.36
C ALA B 29 -16.14 -2.64 -5.37
N GLU B 30 -16.68 -2.44 -6.58
CA GLU B 30 -16.42 -3.37 -7.67
C GLU B 30 -15.27 -2.93 -8.56
N ILE B 31 -14.90 -1.66 -8.47
CA ILE B 31 -13.74 -1.14 -9.20
C ILE B 31 -12.86 -0.36 -8.22
N ASP B 32 -11.56 -0.23 -8.53
CA ASP B 32 -10.62 0.48 -7.66
C ASP B 32 -11.16 1.85 -7.26
N GLN B 33 -11.81 2.54 -8.19
CA GLN B 33 -12.14 3.95 -7.97
C GLN B 33 -13.29 4.12 -6.99
N ASP B 34 -13.86 3.01 -6.52
CA ASP B 34 -14.91 3.07 -5.51
C ASP B 34 -14.38 2.80 -4.09
N HIS B 35 -13.07 2.71 -3.96
CA HIS B 35 -12.48 2.55 -2.65
C HIS B 35 -12.19 3.88 -1.98
N VAL B 36 -11.73 3.79 -0.75
CA VAL B 36 -11.53 4.97 0.08
C VAL B 36 -10.22 5.65 -0.22
N ARG B 37 -10.28 6.96 -0.41
CA ARG B 37 -9.09 7.76 -0.56
C ARG B 37 -8.58 8.18 0.81
N TYR B 38 -7.33 7.86 1.11
CA TYR B 38 -6.78 8.33 2.38
C TYR B 38 -5.29 8.63 2.31
N VAL B 39 -4.86 9.38 3.31
CA VAL B 39 -3.45 9.59 3.56
C VAL B 39 -3.17 9.00 4.91
N LEU B 40 -2.26 8.03 4.93
CA LEU B 40 -1.88 7.35 6.15
C LEU B 40 -0.54 7.88 6.63
N TYR B 41 -0.51 8.42 7.85
CA TYR B 41 0.75 8.87 8.42
C TYR B 41 1.20 7.82 9.40
N ASN B 42 2.22 7.08 9.00
CA ASN B 42 2.65 5.92 9.77
C ASN B 42 4.00 6.21 10.44
N ASP B 43 3.97 6.42 11.76
CA ASP B 43 5.18 6.77 12.49
C ASP B 43 5.51 5.78 13.59
N PRO B 44 6.33 4.76 13.28
CA PRO B 44 6.69 3.78 14.31
C PRO B 44 7.60 4.37 15.41
N GLU B 45 8.09 5.58 15.25
CA GLU B 45 8.91 6.21 16.29
C GLU B 45 8.09 6.88 17.41
N ILE B 46 6.77 6.88 17.28
CA ILE B 46 5.92 7.27 18.40
C ILE B 46 5.77 6.08 19.37
N PRO B 47 6.25 6.24 20.61
CA PRO B 47 6.38 5.13 21.57
C PRO B 47 5.06 4.39 21.85
N ASP B 48 5.13 3.08 21.97
CA ASP B 48 3.93 2.25 22.11
C ASP B 48 3.68 1.77 23.54
N ARG B 49 4.65 1.96 24.42
CA ARG B 49 4.55 1.50 25.80
C ARG B 49 4.41 2.67 26.77
N ILE B 50 3.44 2.57 27.69
CA ILE B 50 3.23 3.59 28.71
C ILE B 50 4.49 3.74 29.60
N GLU B 51 5.22 2.65 29.81
CA GLU B 51 6.43 2.66 30.63
C GLU B 51 7.46 3.64 30.08
N ALA B 52 7.62 3.60 28.75
CA ALA B 52 8.52 4.46 28.01
C ALA B 52 8.21 5.92 28.24
N TYR B 53 6.93 6.29 28.12
CA TYR B 53 6.52 7.68 28.33
C TYR B 53 6.82 8.19 29.73
N PHE B 54 6.39 7.41 30.73
CA PHE B 54 6.58 7.82 32.12
C PHE B 54 8.08 7.90 32.43
N GLU B 55 8.85 6.92 31.95
CA GLU B 55 10.30 6.90 32.17
C GLU B 55 11.04 8.13 31.64
N ASN B 56 10.70 8.54 30.42
CA ASN B 56 11.48 9.58 29.76
C ASN B 56 10.83 10.95 29.81
N MET B 57 9.79 11.08 30.63
CA MET B 57 9.03 12.33 30.74
C MET B 57 8.56 12.76 29.36
N GLU B 58 8.02 11.80 28.61
CA GLU B 58 7.62 12.03 27.23
C GLU B 58 6.10 11.95 27.08
N SER B 59 5.65 12.27 25.86
CA SER B 59 4.24 12.28 25.53
C SER B 59 4.15 12.30 24.02
N PRO B 60 3.19 11.56 23.45
CA PRO B 60 3.03 11.48 22.00
C PRO B 60 2.28 12.67 21.43
N VAL B 61 1.94 13.63 22.29
CA VAL B 61 1.12 14.77 21.89
C VAL B 61 1.74 15.55 20.72
N ASN B 62 3.05 15.81 20.77
CA ASN B 62 3.69 16.56 19.67
C ASN B 62 3.68 15.79 18.35
N ALA B 63 4.01 14.51 18.40
CA ALA B 63 4.05 13.66 17.21
C ALA B 63 2.69 13.52 16.55
N ILE B 64 1.66 13.32 17.37
CA ILE B 64 0.30 13.21 16.86
C ILE B 64 -0.20 14.56 16.35
N ASN B 65 0.09 15.63 17.09
CA ASN B 65 -0.33 16.97 16.67
C ASN B 65 0.32 17.40 15.36
N ASN B 66 1.59 17.07 15.19
CA ASN B 66 2.26 17.31 13.92
C ASN B 66 1.61 16.54 12.77
N GLY B 67 1.35 15.25 13.00
CA GLY B 67 0.63 14.44 12.02
C GLY B 67 -0.70 15.04 11.65
N ILE B 68 -1.43 15.52 12.66
CA ILE B 68 -2.72 16.18 12.44
C ILE B 68 -2.58 17.44 11.58
N LYS B 69 -1.60 18.30 11.91
CA LYS B 69 -1.38 19.52 11.11
C LYS B 69 -1.08 19.13 9.66
N TYR B 70 -0.32 18.06 9.49
CA TYR B 70 0.06 17.64 8.14
C TYR B 70 -1.16 17.19 7.34
N LEU B 71 -1.94 16.26 7.91
CA LEU B 71 -3.16 15.81 7.27
C LEU B 71 -4.11 16.98 6.98
N GLU B 72 -4.28 17.88 7.95
CA GLU B 72 -5.18 19.01 7.74
C GLU B 72 -4.66 19.92 6.63
N SER B 73 -3.34 20.00 6.44
CA SER B 73 -2.77 20.85 5.40
C SER B 73 -3.14 20.35 3.99
N ILE B 74 -3.50 19.07 3.92
CA ILE B 74 -3.91 18.44 2.67
C ILE B 74 -5.37 18.79 2.34
N GLY B 75 -6.12 19.23 3.34
CA GLY B 75 -7.52 19.56 3.15
C GLY B 75 -8.45 18.52 3.76
N ILE B 76 -7.85 17.60 4.51
CA ILE B 76 -8.60 16.50 5.13
C ILE B 76 -9.49 16.98 6.28
N ASP B 77 -10.74 16.50 6.30
CA ASP B 77 -11.74 16.95 7.27
C ASP B 77 -11.99 15.94 8.39
N THR B 78 -11.59 14.70 8.13
CA THR B 78 -11.81 13.63 9.11
C THR B 78 -10.52 12.83 9.26
N ILE B 79 -10.12 12.60 10.50
CA ILE B 79 -8.93 11.81 10.79
C ILE B 79 -9.23 10.71 11.79
N GLY B 80 -8.73 9.50 11.52
CA GLY B 80 -8.91 8.39 12.43
C GLY B 80 -7.57 7.84 12.89
N MET B 81 -7.49 7.43 14.15
CA MET B 81 -6.31 6.75 14.67
C MET B 81 -6.70 5.45 15.33
N ALA B 82 -6.05 4.37 14.92
CA ALA B 82 -6.29 3.07 15.52
C ALA B 82 -5.69 2.98 16.92
N CYS B 83 -4.47 2.44 17.03
CA CYS B 83 -3.89 2.00 18.31
C CYS B 83 -4.80 0.97 18.97
N THR B 85 -1.91 3.24 22.11
CA THR B 85 -1.56 3.76 23.42
C THR B 85 -1.68 5.29 23.50
N ALA B 86 -1.54 5.96 22.36
CA ALA B 86 -1.59 7.42 22.34
C ALA B 86 -2.99 7.94 22.64
N HIS B 87 -3.98 7.05 22.57
CA HIS B 87 -5.35 7.42 22.88
C HIS B 87 -5.52 7.86 24.34
N ILE B 88 -4.56 7.47 25.18
CA ILE B 88 -4.49 7.96 26.56
C ILE B 88 -4.45 9.49 26.60
N TRP B 89 -3.81 10.09 25.60
CA TRP B 89 -3.69 11.54 25.53
C TRP B 89 -4.73 12.20 24.61
N PHE B 90 -5.79 11.46 24.27
CA PHE B 90 -6.75 11.95 23.27
C PHE B 90 -7.24 13.38 23.56
N LYS B 91 -7.55 13.66 24.82
CA LYS B 91 -8.07 14.98 25.19
C LYS B 91 -7.08 16.13 24.97
N GLU B 92 -5.80 15.82 24.81
CA GLU B 92 -4.79 16.87 24.62
C GLU B 92 -4.37 17.10 23.16
N PHE B 93 -4.86 16.28 22.23
CA PHE B 93 -4.53 16.51 20.82
C PHE B 93 -5.12 17.84 20.36
N VAL B 94 -4.45 18.51 19.44
CA VAL B 94 -4.94 19.79 18.89
C VAL B 94 -5.41 19.58 17.45
N TYR B 95 -6.70 19.81 17.19
CA TYR B 95 -7.18 19.64 15.82
C TYR B 95 -8.34 20.56 15.42
N LYS B 96 -8.39 20.91 14.13
CA LYS B 96 -9.50 21.67 13.54
C LYS B 96 -10.54 20.72 12.98
N SER B 97 -10.04 19.65 12.39
CA SER B 97 -10.87 18.66 11.74
C SER B 97 -11.64 17.80 12.73
N ASN B 98 -12.39 16.83 12.21
CA ASN B 98 -13.05 15.85 13.05
C ASN B 98 -12.12 14.67 13.35
N PHE B 99 -11.50 14.67 14.53
CA PHE B 99 -10.65 13.55 14.94
C PHE B 99 -11.51 12.50 15.62
N LEU B 100 -11.75 11.41 14.91
CA LEU B 100 -12.63 10.36 15.39
C LEU B 100 -12.10 9.76 16.68
N ASN B 101 -13.01 9.39 17.56
CA ASN B 101 -12.63 8.73 18.80
C ASN B 101 -13.05 7.26 18.73
N MET B 102 -12.04 6.41 18.63
CA MET B 102 -12.22 4.97 18.44
C MET B 102 -13.03 4.35 19.57
N ILE B 103 -12.89 4.89 20.78
CA ILE B 103 -13.57 4.31 21.94
C ILE B 103 -15.07 4.60 21.93
N ASP B 104 -15.47 5.83 21.58
CA ASP B 104 -16.89 6.14 21.48
C ASP B 104 -17.57 5.49 20.28
N LEU B 105 -16.84 5.36 19.18
CA LEU B 105 -17.38 4.65 18.04
C LEU B 105 -17.66 3.20 18.43
N THR B 106 -16.75 2.62 19.21
CA THR B 106 -16.89 1.25 19.67
C THR B 106 -18.06 1.10 20.64
N ALA B 107 -18.15 1.99 21.62
CA ALA B 107 -19.20 1.94 22.64
C ALA B 107 -20.61 2.02 22.04
N SER B 108 -20.80 2.96 21.10
CA SER B 108 -22.09 3.15 20.43
C SER B 108 -22.50 2.00 19.50
N VAL B 109 -21.52 1.30 18.94
CA VAL B 109 -21.83 0.10 18.14
C VAL B 109 -22.41 -0.97 19.06
N LEU B 110 -21.78 -1.10 20.23
CA LEU B 110 -22.21 -2.06 21.25
C LEU B 110 -23.66 -1.81 21.64
N LYS B 111 -23.98 -0.57 22.02
CA LYS B 111 -25.31 -0.27 22.53
C LYS B 111 -26.36 -0.21 21.42
N LYS B 112 -25.90 -0.16 20.17
CA LYS B 112 -26.83 -0.11 19.04
C LYS B 112 -27.60 -1.42 18.87
N SER B 113 -26.92 -2.54 19.09
CA SER B 113 -27.60 -3.83 19.06
C SER B 113 -27.12 -4.78 20.15
N GLY B 114 -26.96 -4.26 21.36
CA GLY B 114 -26.54 -5.07 22.49
C GLY B 114 -26.22 -4.26 23.74
N ASN B 117 -20.71 -5.52 29.98
CA ASN B 117 -21.13 -6.87 29.62
C ASN B 117 -20.54 -7.35 28.30
N VAL B 118 -19.23 -7.11 28.17
CA VAL B 118 -18.46 -7.55 27.02
C VAL B 118 -17.10 -8.08 27.53
N LEU B 119 -16.57 -9.10 26.86
CA LEU B 119 -15.25 -9.60 27.23
C LEU B 119 -14.20 -8.89 26.41
N LEU B 120 -13.24 -8.24 27.08
CA LEU B 120 -12.27 -7.44 26.35
C LEU B 120 -11.25 -8.31 25.68
N LEU B 121 -11.35 -8.28 24.36
CA LEU B 121 -10.56 -8.99 23.39
C LEU B 121 -9.07 -8.99 23.70
N PRO B 203 -20.87 -13.18 17.78
CA PRO B 203 -20.69 -12.35 18.98
C PRO B 203 -19.34 -11.63 18.97
N VAL B 204 -18.94 -11.07 17.83
CA VAL B 204 -17.62 -10.44 17.72
C VAL B 204 -17.71 -8.98 17.29
N ILE B 205 -17.12 -8.11 18.10
CA ILE B 205 -17.04 -6.69 17.79
C ILE B 205 -15.59 -6.26 17.74
N ASP B 206 -15.17 -5.69 16.62
CA ASP B 206 -13.79 -5.25 16.48
C ASP B 206 -13.73 -3.73 16.50
N SER B 207 -12.95 -3.21 17.44
CA SER B 207 -12.77 -1.77 17.59
C SER B 207 -12.24 -1.15 16.30
N ASP B 208 -11.33 -1.87 15.64
CA ASP B 208 -10.81 -1.49 14.32
C ASP B 208 -11.91 -1.28 13.30
N GLU B 209 -12.89 -2.18 13.30
CA GLU B 209 -13.92 -2.15 12.27
C GLU B 209 -14.89 -0.99 12.51
N ALA B 210 -15.04 -0.58 13.77
CA ALA B 210 -15.91 0.54 14.09
C ALA B 210 -15.32 1.85 13.56
N LEU B 211 -14.02 2.03 13.77
CA LEU B 211 -13.32 3.16 13.22
C LEU B 211 -13.34 3.08 11.70
N ALA B 212 -13.02 1.91 11.16
CA ALA B 212 -13.06 1.70 9.71
C ALA B 212 -14.39 2.12 9.12
N ALA B 213 -15.49 1.62 9.70
CA ALA B 213 -16.83 1.98 9.23
C ALA B 213 -17.02 3.49 9.19
N ALA B 214 -16.62 4.14 10.26
CA ALA B 214 -16.73 5.59 10.38
C ALA B 214 -15.92 6.31 9.30
N LEU B 215 -14.73 5.79 8.97
CA LEU B 215 -13.91 6.46 7.96
C LEU B 215 -14.49 6.27 6.56
N ILE B 216 -15.03 5.09 6.29
CA ILE B 216 -15.67 4.78 5.02
C ILE B 216 -16.84 5.73 4.73
N LYS B 217 -17.67 5.94 5.75
CA LYS B 217 -18.76 6.92 5.68
C LYS B 217 -18.26 8.33 5.36
N SER B 218 -17.29 8.80 6.14
CA SER B 218 -16.80 10.17 5.98
C SER B 218 -16.08 10.36 4.63
N ALA B 219 -15.66 9.26 4.03
CA ALA B 219 -14.98 9.30 2.74
C ALA B 219 -15.97 9.34 1.58
N GLY B 220 -17.27 9.27 1.89
CA GLY B 220 -18.31 9.28 0.89
C GLY B 220 -18.39 7.96 0.16
N LYS B 221 -17.90 6.91 0.80
CA LYS B 221 -17.88 5.59 0.17
C LYS B 221 -18.94 4.68 0.78
N ARG B 222 -19.10 3.50 0.21
CA ARG B 222 -20.14 2.56 0.63
C ARG B 222 -19.61 1.44 1.52
N LEU B 223 -20.39 1.07 2.53
CA LEU B 223 -20.03 0.00 3.44
C LEU B 223 -20.64 -1.34 2.98
N LYS B 224 -19.84 -2.40 2.94
CA LYS B 224 -20.35 -3.73 2.62
C LYS B 224 -21.44 -4.12 3.61
N LYS B 225 -22.51 -4.74 3.12
CA LYS B 225 -23.65 -5.03 3.97
C LYS B 225 -23.29 -5.97 5.11
N GLU B 226 -22.36 -6.89 4.88
CA GLU B 226 -21.97 -7.84 5.93
C GLU B 226 -21.43 -7.15 7.17
N TYR B 227 -21.22 -5.83 7.08
CA TYR B 227 -20.86 -5.03 8.25
C TYR B 227 -21.98 -4.05 8.66
N ARG B 228 -23.25 -4.48 8.54
CA ARG B 228 -24.39 -3.65 8.96
C ARG B 228 -24.16 -3.11 10.36
N LEU B 229 -23.67 -4.01 11.21
CA LEU B 229 -23.60 -3.81 12.65
C LEU B 229 -22.73 -2.61 13.06
N TYR B 230 -21.90 -2.15 12.14
CA TYR B 230 -20.99 -1.04 12.42
C TYR B 230 -21.46 0.28 11.82
N ASP B 231 -22.50 0.23 11.00
CA ASP B 231 -23.05 1.42 10.35
C ASP B 231 -23.71 2.34 11.39
N LEU B 232 -22.97 3.34 11.85
CA LEU B 232 -23.47 4.23 12.90
C LEU B 232 -24.75 4.98 12.49
#